data_7HU3
#
_entry.id   7HU3
#
_cell.length_a   98.739
_cell.length_b   98.771
_cell.length_c   128.445
_cell.angle_alpha   90.00
_cell.angle_beta   90.00
_cell.angle_gamma   90.00
#
_symmetry.space_group_name_H-M   'I 2 2 2'
#
loop_
_entity.id
_entity.type
_entity.pdbx_description
1 polymer 'Oleoyl-acyl carrier protein thioesterase 1, chloroplastic'
2 non-polymer N,N-dimethylpyridine-3-sulfonamide
3 non-polymer 'SULFATE ION'
4 water water
#
_entity_poly.entity_id   1
_entity_poly.type   'polypeptide(L)'
_entity_poly.pdbx_seq_one_letter_code
;MGSLTEDGLSYKEKFVVRSYEVGSNKTATVETIANLLQEVGCNHAQSVGFSTDGFATTTTMRKLHLIWVTARMHIEIYKY
PAWGDVVEIETWCQSEGRIGTRRDWILKDSVTGEVTGRATSKWVMMNQDTRRLQKVSDDVRDEYLVFCPQEPRLAFPEEN
NRSLKKIPKLEDPAQYSMIGLKPRRADLDMNQHVNNVTYIGWVLESIPQEIVDTHELQVITLDYRRECQQDDVVDSLTTT
TSEIGGTNGSATSGTQGHNDSQFLHLLRLSGDGQEINRGTTLWRKKPSSHHHHHH
;
_entity_poly.pdbx_strand_id   A,B
#
loop_
_chem_comp.id
_chem_comp.type
_chem_comp.name
_chem_comp.formula
SO4 non-polymer 'SULFATE ION' 'O4 S -2'
ZUG non-polymer N,N-dimethylpyridine-3-sulfonamide 'C7 H10 N2 O2 S'
#
# COMPACT_ATOMS: atom_id res chain seq x y z
N GLY A 2 12.18 4.34 15.14
CA GLY A 2 12.28 5.77 15.39
C GLY A 2 12.35 6.12 16.86
N SER A 3 12.42 7.42 17.17
CA SER A 3 12.48 7.85 18.56
C SER A 3 12.15 9.32 18.73
N LEU A 4 11.71 9.68 19.95
CA LEU A 4 11.46 11.07 20.32
C LEU A 4 12.82 11.76 20.36
N THR A 5 12.86 13.06 20.06
CA THR A 5 14.11 13.83 20.17
C THR A 5 14.49 14.03 21.67
N GLU A 6 15.59 14.72 21.96
CA GLU A 6 16.05 14.93 23.31
C GLU A 6 15.01 15.64 24.19
N ASP A 7 14.34 16.67 23.67
CA ASP A 7 13.36 17.39 24.46
C ASP A 7 12.01 16.65 24.62
N GLY A 8 11.78 15.59 23.84
CA GLY A 8 10.54 14.84 23.90
C GLY A 8 9.36 15.57 23.26
N LEU A 9 9.64 16.64 22.48
CA LEU A 9 8.60 17.45 21.86
C LEU A 9 8.45 17.20 20.35
N SER A 10 9.21 16.25 19.78
CA SER A 10 9.09 15.85 18.38
C SER A 10 9.59 14.40 18.19
N TYR A 11 9.31 13.79 17.03
CA TYR A 11 9.64 12.39 16.80
C TYR A 11 10.29 12.21 15.44
N LYS A 12 11.37 11.41 15.35
CA LYS A 12 12.03 11.16 14.06
C LYS A 12 11.99 9.67 13.71
N GLU A 13 11.91 9.34 12.42
CA GLU A 13 11.94 7.97 11.97
C GLU A 13 12.54 7.90 10.55
N LYS A 14 13.34 6.85 10.30
CA LYS A 14 13.98 6.62 9.02
C LYS A 14 13.29 5.49 8.28
N PHE A 15 13.08 5.66 6.97
CA PHE A 15 12.40 4.66 6.13
C PHE A 15 13.23 4.38 4.91
N VAL A 16 13.36 3.10 4.54
CA VAL A 16 14.08 2.74 3.32
C VAL A 16 12.99 2.56 2.28
N VAL A 17 13.06 3.31 1.18
CA VAL A 17 12.01 3.25 0.14
C VAL A 17 11.95 1.86 -0.55
N ARG A 18 10.76 1.23 -0.53
CA ARG A 18 10.50 -0.10 -1.10
C ARG A 18 10.17 -0.11 -2.60
N SER A 19 10.45 -1.26 -3.25
CA SER A 19 10.21 -1.49 -4.69
C SER A 19 8.78 -1.20 -5.12
N TYR A 20 7.78 -1.73 -4.40
CA TYR A 20 6.37 -1.49 -4.76
C TYR A 20 5.87 -0.10 -4.35
N GLU A 21 6.71 0.70 -3.67
CA GLU A 21 6.34 2.05 -3.23
C GLU A 21 6.63 3.14 -4.28
N VAL A 22 7.34 2.80 -5.37
CA VAL A 22 7.74 3.79 -6.38
C VAL A 22 6.92 3.72 -7.67
N GLY A 23 6.92 4.84 -8.40
CA GLY A 23 6.25 4.97 -9.69
C GLY A 23 7.18 4.78 -10.87
N SER A 24 6.77 5.26 -12.06
N SER A 24 6.77 5.25 -12.06
N SER A 24 6.77 5.26 -12.06
CA SER A 24 7.50 5.14 -13.32
CA SER A 24 7.51 5.11 -13.33
CA SER A 24 7.50 5.14 -13.32
C SER A 24 8.93 5.68 -13.28
C SER A 24 8.92 5.69 -13.31
C SER A 24 8.93 5.68 -13.28
N ASN A 25 9.17 6.74 -12.50
CA ASN A 25 10.50 7.34 -12.39
C ASN A 25 11.43 6.63 -11.39
N LYS A 26 10.97 5.51 -10.78
CA LYS A 26 11.72 4.80 -9.75
C LYS A 26 11.88 5.64 -8.45
N THR A 27 10.97 6.62 -8.22
CA THR A 27 10.94 7.42 -7.00
C THR A 27 9.57 7.24 -6.30
N ALA A 28 9.54 7.42 -4.98
CA ALA A 28 8.34 7.24 -4.18
C ALA A 28 7.15 8.07 -4.69
N THR A 29 5.95 7.47 -4.75
CA THR A 29 4.76 8.21 -5.14
C THR A 29 4.33 9.14 -3.98
N VAL A 30 3.45 10.11 -4.25
CA VAL A 30 2.95 11.00 -3.20
C VAL A 30 2.08 10.22 -2.18
N GLU A 31 1.48 9.10 -2.60
CA GLU A 31 0.70 8.23 -1.73
C GLU A 31 1.62 7.47 -0.78
N THR A 32 2.82 7.08 -1.23
CA THR A 32 3.80 6.43 -0.35
C THR A 32 4.24 7.44 0.73
N ILE A 33 4.52 8.70 0.31
CA ILE A 33 4.91 9.79 1.20
C ILE A 33 3.84 9.97 2.29
N ALA A 34 2.56 10.17 1.89
CA ALA A 34 1.44 10.34 2.82
C ALA A 34 1.23 9.14 3.77
N ASN A 35 1.54 7.91 3.34
CA ASN A 35 1.46 6.72 4.20
C ASN A 35 2.58 6.81 5.26
N LEU A 36 3.79 7.22 4.85
CA LEU A 36 4.93 7.39 5.75
C LEU A 36 4.68 8.48 6.77
N LEU A 37 4.01 9.58 6.36
CA LEU A 37 3.67 10.66 7.29
C LEU A 37 2.71 10.13 8.37
N GLN A 38 1.71 9.35 7.97
CA GLN A 38 0.73 8.75 8.86
C GLN A 38 1.39 7.77 9.82
N GLU A 39 2.34 6.95 9.30
CA GLU A 39 3.07 5.97 10.12
C GLU A 39 3.94 6.64 11.20
N VAL A 40 4.68 7.68 10.83
CA VAL A 40 5.53 8.38 11.80
C VAL A 40 4.63 9.12 12.84
N GLY A 41 3.47 9.62 12.40
CA GLY A 41 2.50 10.27 13.26
C GLY A 41 1.93 9.31 14.29
N CYS A 42 1.62 8.08 13.87
N CYS A 42 1.63 8.09 13.87
N CYS A 42 1.62 8.08 13.87
CA CYS A 42 1.10 7.03 14.76
CA CYS A 42 1.11 7.05 14.72
CA CYS A 42 1.10 7.03 14.76
C CYS A 42 2.16 6.62 15.76
C CYS A 42 2.16 6.61 15.75
C CYS A 42 2.16 6.62 15.76
N ASN A 43 3.42 6.50 15.31
CA ASN A 43 4.53 6.10 16.18
C ASN A 43 4.86 7.20 17.21
N HIS A 44 4.68 8.46 16.83
CA HIS A 44 4.87 9.60 17.73
C HIS A 44 3.80 9.51 18.87
N ALA A 45 2.51 9.30 18.52
CA ALA A 45 1.41 9.17 19.50
C ALA A 45 1.65 7.99 20.45
N GLN A 46 2.09 6.85 19.94
CA GLN A 46 2.41 5.69 20.78
C GLN A 46 3.59 5.95 21.73
N SER A 47 4.65 6.60 21.23
N SER A 47 4.66 6.60 21.24
N SER A 47 4.65 6.60 21.23
CA SER A 47 5.86 6.88 22.02
CA SER A 47 5.86 6.86 22.04
CA SER A 47 5.86 6.88 22.02
C SER A 47 5.63 7.77 23.23
C SER A 47 5.62 7.75 23.25
C SER A 47 5.63 7.77 23.23
N VAL A 48 4.59 8.60 23.20
CA VAL A 48 4.28 9.50 24.31
C VAL A 48 3.09 9.04 25.16
N GLY A 49 2.72 7.77 25.06
CA GLY A 49 1.67 7.22 25.88
C GLY A 49 0.24 7.16 25.35
N PHE A 50 -0.02 7.64 24.12
CA PHE A 50 -1.39 7.58 23.57
C PHE A 50 -1.69 6.27 22.80
N SER A 51 -2.96 6.05 22.41
CA SER A 51 -3.33 4.86 21.65
C SER A 51 -4.57 5.08 20.78
N PHE A 55 -6.24 6.71 17.69
CA PHE A 55 -5.04 7.49 17.38
C PHE A 55 -5.09 8.85 18.08
N ALA A 56 -4.11 9.09 18.97
CA ALA A 56 -3.95 10.31 19.77
C ALA A 56 -5.18 10.66 20.63
N THR A 57 -5.92 9.65 21.09
CA THR A 57 -7.08 9.91 21.94
C THR A 57 -6.68 10.06 23.40
N THR A 58 -6.94 11.25 23.98
CA THR A 58 -6.63 11.50 25.38
C THR A 58 -7.61 10.71 26.29
N THR A 59 -7.41 10.71 27.62
CA THR A 59 -8.31 9.97 28.51
C THR A 59 -9.71 10.56 28.52
N THR A 60 -9.80 11.91 28.51
CA THR A 60 -11.08 12.62 28.47
C THR A 60 -11.82 12.40 27.14
N MET A 61 -11.07 12.26 26.03
N MET A 61 -11.07 12.26 26.03
N MET A 61 -11.07 12.26 26.03
CA MET A 61 -11.69 12.04 24.72
CA MET A 61 -11.66 12.05 24.72
CA MET A 61 -11.69 12.04 24.72
C MET A 61 -12.33 10.66 24.65
C MET A 61 -12.31 10.67 24.65
C MET A 61 -12.33 10.66 24.65
N ARG A 62 -11.66 9.65 25.22
CA ARG A 62 -12.19 8.28 25.22
C ARG A 62 -13.48 8.18 26.03
N LYS A 63 -13.53 8.90 27.16
CA LYS A 63 -14.69 8.98 28.04
C LYS A 63 -15.89 9.60 27.29
N LEU A 64 -15.66 10.69 26.55
CA LEU A 64 -16.74 11.35 25.82
C LEU A 64 -16.99 10.84 24.38
N HIS A 65 -16.33 9.73 23.96
CA HIS A 65 -16.43 9.15 22.60
C HIS A 65 -16.02 10.14 21.50
N LEU A 66 -14.92 10.88 21.72
CA LEU A 66 -14.38 11.88 20.79
C LEU A 66 -13.10 11.38 20.13
N ILE A 67 -12.92 11.70 18.85
CA ILE A 67 -11.75 11.36 18.05
C ILE A 67 -11.25 12.56 17.23
N TRP A 68 -9.98 12.50 16.78
CA TRP A 68 -9.37 13.50 15.94
C TRP A 68 -9.61 13.09 14.50
N VAL A 69 -10.06 14.02 13.68
CA VAL A 69 -10.31 13.79 12.27
C VAL A 69 -9.53 14.83 11.45
N THR A 70 -9.00 14.46 10.27
CA THR A 70 -8.27 15.43 9.44
C THR A 70 -9.28 16.35 8.72
N ALA A 71 -9.06 17.66 8.78
CA ALA A 71 -9.87 18.65 8.08
C ALA A 71 -9.11 19.10 6.82
N ARG A 72 -7.79 19.27 6.94
CA ARG A 72 -6.95 19.68 5.82
C ARG A 72 -5.58 19.03 5.87
N MET A 73 -5.07 18.64 4.70
CA MET A 73 -3.76 18.03 4.52
C MET A 73 -3.03 18.83 3.41
N HIS A 74 -1.81 19.29 3.67
CA HIS A 74 -1.04 20.09 2.70
C HIS A 74 0.40 19.54 2.58
N ILE A 75 0.80 19.06 1.39
CA ILE A 75 2.12 18.47 1.16
C ILE A 75 2.88 19.18 0.05
N GLU A 76 4.15 19.53 0.32
CA GLU A 76 5.03 20.12 -0.68
C GLU A 76 6.33 19.29 -0.81
N ILE A 77 6.58 18.72 -2.00
CA ILE A 77 7.75 17.90 -2.25
C ILE A 77 8.73 18.56 -3.23
N TYR A 78 10.02 18.67 -2.85
CA TYR A 78 11.09 19.20 -3.70
C TYR A 78 11.77 18.03 -4.44
N LYS A 79 12.03 16.94 -3.74
CA LYS A 79 12.65 15.76 -4.32
C LYS A 79 11.95 14.50 -3.77
N TYR A 80 11.46 13.62 -4.65
CA TYR A 80 10.88 12.36 -4.20
C TYR A 80 12.03 11.38 -4.01
N PRO A 81 12.15 10.70 -2.86
CA PRO A 81 13.28 9.77 -2.66
C PRO A 81 13.25 8.61 -3.66
N ALA A 82 14.41 8.19 -4.14
CA ALA A 82 14.49 7.07 -5.08
C ALA A 82 14.35 5.73 -4.32
N TRP A 83 14.01 4.67 -5.05
CA TRP A 83 13.89 3.30 -4.53
C TRP A 83 15.22 2.89 -3.88
N GLY A 84 15.17 2.46 -2.62
CA GLY A 84 16.37 2.08 -1.89
C GLY A 84 17.00 3.19 -1.05
N ASP A 85 16.54 4.44 -1.23
CA ASP A 85 17.05 5.58 -0.47
C ASP A 85 16.45 5.60 0.93
N VAL A 86 17.16 6.22 1.88
CA VAL A 86 16.65 6.37 3.22
C VAL A 86 16.11 7.80 3.38
N VAL A 87 14.86 7.94 3.80
CA VAL A 87 14.24 9.24 4.03
C VAL A 87 14.02 9.40 5.56
N GLU A 88 14.40 10.57 6.12
CA GLU A 88 14.18 10.80 7.54
C GLU A 88 13.02 11.78 7.72
N ILE A 89 12.02 11.41 8.54
CA ILE A 89 10.87 12.27 8.77
C ILE A 89 10.77 12.71 10.24
N GLU A 90 10.72 14.01 10.48
CA GLU A 90 10.51 14.54 11.82
C GLU A 90 9.05 15.08 11.94
N THR A 91 8.32 14.72 13.01
CA THR A 91 6.94 15.16 13.19
C THR A 91 6.70 15.74 14.60
N TRP A 92 5.81 16.72 14.69
CA TRP A 92 5.45 17.33 15.97
C TRP A 92 4.02 17.88 15.87
N CYS A 93 3.42 18.15 17.01
CA CYS A 93 2.09 18.71 17.06
C CYS A 93 2.06 20.03 17.79
N GLN A 94 1.04 20.82 17.52
CA GLN A 94 0.82 22.09 18.18
C GLN A 94 -0.65 22.35 18.30
N SER A 95 -1.05 22.84 19.47
CA SER A 95 -2.43 23.21 19.75
C SER A 95 -2.76 24.48 18.93
N GLU A 96 -3.94 24.54 18.35
CA GLU A 96 -4.40 25.71 17.62
C GLU A 96 -5.58 26.32 18.37
N GLY A 97 -5.45 26.45 19.69
CA GLY A 97 -6.53 26.95 20.53
C GLY A 97 -7.71 26.00 20.51
N ARG A 98 -8.93 26.55 20.58
CA ARG A 98 -10.12 25.71 20.56
C ARG A 98 -10.52 25.26 19.15
N ILE A 99 -9.78 25.71 18.10
CA ILE A 99 -10.09 25.29 16.74
C ILE A 99 -9.84 23.78 16.57
N GLY A 100 -8.70 23.33 17.09
CA GLY A 100 -8.27 21.95 17.03
C GLY A 100 -6.76 21.86 17.19
N THR A 101 -6.14 20.87 16.56
CA THR A 101 -4.69 20.69 16.60
C THR A 101 -4.07 20.73 15.18
N ARG A 102 -2.75 20.82 15.12
CA ARG A 102 -2.01 20.82 13.89
C ARG A 102 -0.86 19.79 14.01
N ARG A 103 -0.60 19.01 12.94
CA ARG A 103 0.55 18.11 12.94
C ARG A 103 1.39 18.50 11.75
N ASP A 104 2.68 18.74 11.97
CA ASP A 104 3.59 19.13 10.91
C ASP A 104 4.68 18.08 10.70
N TRP A 105 5.26 18.04 9.52
CA TRP A 105 6.31 17.10 9.18
C TRP A 105 7.39 17.78 8.36
N ILE A 106 8.63 17.30 8.50
CA ILE A 106 9.79 17.72 7.72
C ILE A 106 10.39 16.42 7.17
N LEU A 107 10.65 16.36 5.87
CA LEU A 107 11.25 15.18 5.24
C LEU A 107 12.66 15.56 4.82
N LYS A 108 13.64 14.74 5.14
CA LYS A 108 15.03 15.01 4.77
C LYS A 108 15.69 13.81 4.09
N ASP A 109 16.68 14.06 3.25
CA ASP A 109 17.46 12.98 2.64
C ASP A 109 18.44 12.57 3.77
N SER A 110 18.41 11.30 4.20
CA SER A 110 19.25 10.86 5.30
C SER A 110 20.76 10.96 5.02
N VAL A 111 21.15 10.91 3.75
CA VAL A 111 22.56 10.98 3.38
C VAL A 111 23.06 12.42 3.31
N THR A 112 22.27 13.32 2.71
CA THR A 112 22.70 14.71 2.53
C THR A 112 22.27 15.66 3.66
N GLY A 113 21.21 15.28 4.39
CA GLY A 113 20.64 16.11 5.46
C GLY A 113 19.74 17.23 4.96
N GLU A 114 19.58 17.36 3.64
CA GLU A 114 18.79 18.41 3.01
C GLU A 114 17.30 18.13 3.09
N VAL A 115 16.51 19.20 3.25
CA VAL A 115 15.05 19.10 3.30
C VAL A 115 14.54 18.80 1.88
N THR A 116 13.77 17.73 1.73
CA THR A 116 13.23 17.34 0.42
C THR A 116 11.70 17.41 0.35
N GLY A 117 11.06 17.73 1.46
CA GLY A 117 9.63 17.85 1.55
C GLY A 117 9.19 18.37 2.91
N ARG A 118 7.95 18.82 2.98
CA ARG A 118 7.34 19.28 4.23
C ARG A 118 5.83 19.19 4.12
N ALA A 119 5.19 18.93 5.26
CA ALA A 119 3.75 18.78 5.27
C ALA A 119 3.13 19.36 6.54
N THR A 120 1.86 19.73 6.44
CA THR A 120 1.10 20.27 7.53
C THR A 120 -0.33 19.74 7.44
N SER A 121 -0.97 19.56 8.59
CA SER A 121 -2.32 19.03 8.63
C SER A 121 -3.13 19.63 9.77
N LYS A 122 -4.41 19.94 9.51
CA LYS A 122 -5.30 20.49 10.54
C LYS A 122 -6.30 19.41 11.02
N TRP A 123 -6.35 19.16 12.33
CA TRP A 123 -7.24 18.15 12.88
C TRP A 123 -8.32 18.77 13.75
N VAL A 124 -9.54 18.24 13.67
CA VAL A 124 -10.66 18.72 14.48
C VAL A 124 -11.25 17.56 15.31
N MET A 125 -11.88 17.92 16.42
CA MET A 125 -12.45 16.93 17.31
C MET A 125 -13.87 16.59 16.84
N MET A 126 -14.21 15.31 16.87
CA MET A 126 -15.51 14.88 16.38
C MET A 126 -16.04 13.76 17.25
N ASN A 127 -17.37 13.74 17.50
CA ASN A 127 -17.98 12.63 18.22
C ASN A 127 -17.99 11.47 17.25
N GLN A 128 -17.38 10.35 17.63
CA GLN A 128 -17.26 9.12 16.87
C GLN A 128 -18.63 8.65 16.30
N ASP A 129 -19.67 8.68 17.13
CA ASP A 129 -21.01 8.17 16.83
C ASP A 129 -21.90 9.12 16.03
N THR A 130 -22.01 10.40 16.44
CA THR A 130 -22.87 11.35 15.75
C THR A 130 -22.20 12.10 14.61
N ARG A 131 -20.85 12.08 14.56
CA ARG A 131 -20.02 12.79 13.59
C ARG A 131 -20.12 14.31 13.70
N ARG A 132 -20.49 14.82 14.88
CA ARG A 132 -20.63 16.25 15.11
C ARG A 132 -19.35 16.91 15.57
N LEU A 133 -18.81 17.83 14.75
CA LEU A 133 -17.57 18.54 15.09
C LEU A 133 -17.76 19.43 16.31
N GLN A 134 -16.71 19.61 17.09
CA GLN A 134 -16.76 20.47 18.26
C GLN A 134 -15.41 21.08 18.59
N LYS A 135 -15.44 22.21 19.31
CA LYS A 135 -14.23 22.90 19.73
C LYS A 135 -13.53 22.15 20.86
N VAL A 136 -12.23 22.37 21.02
CA VAL A 136 -11.45 21.68 22.05
C VAL A 136 -11.70 22.26 23.45
N SER A 137 -12.13 21.43 24.42
CA SER A 137 -12.36 21.94 25.78
C SER A 137 -11.02 22.15 26.54
N ASP A 138 -11.07 22.93 27.64
CA ASP A 138 -9.87 23.20 28.45
C ASP A 138 -9.27 21.91 29.02
N ASP A 139 -10.11 20.97 29.46
CA ASP A 139 -9.66 19.70 30.03
C ASP A 139 -8.85 18.89 29.04
N VAL A 140 -9.29 18.85 27.77
CA VAL A 140 -8.61 18.12 26.71
C VAL A 140 -7.30 18.80 26.34
N ARG A 141 -7.31 20.12 26.14
CA ARG A 141 -6.12 20.88 25.76
C ARG A 141 -4.96 20.75 26.74
N ASP A 142 -5.24 20.71 28.04
CA ASP A 142 -4.20 20.56 29.06
C ASP A 142 -3.60 19.15 29.11
N GLU A 143 -4.36 18.13 28.64
CA GLU A 143 -3.90 16.75 28.59
C GLU A 143 -2.87 16.48 27.48
N TYR A 144 -2.76 17.37 26.47
CA TYR A 144 -1.80 17.16 25.38
C TYR A 144 -0.81 18.31 25.17
N LEU A 145 -1.00 19.46 25.85
CA LEU A 145 -0.12 20.62 25.72
C LEU A 145 1.31 20.30 26.14
N VAL A 146 1.48 19.47 27.20
CA VAL A 146 2.80 19.07 27.70
C VAL A 146 3.61 18.24 26.68
N PHE A 147 2.98 17.75 25.60
CA PHE A 147 3.63 16.98 24.54
C PHE A 147 3.92 17.81 23.27
N CYS A 148 3.69 19.12 23.33
CA CYS A 148 3.88 20.00 22.19
C CYS A 148 4.87 21.10 22.52
N PRO A 149 5.62 21.63 21.52
CA PRO A 149 6.44 22.83 21.81
C PRO A 149 5.52 24.00 22.19
N GLN A 150 5.94 24.85 23.15
CA GLN A 150 5.09 25.96 23.60
C GLN A 150 5.19 27.18 22.67
N GLU A 151 6.39 27.45 22.18
CA GLU A 151 6.59 28.50 21.19
C GLU A 151 6.17 27.94 19.81
N PRO A 152 5.65 28.79 18.90
CA PRO A 152 5.26 28.25 17.58
C PRO A 152 6.44 27.66 16.78
N ARG A 153 6.21 26.49 16.16
CA ARG A 153 7.16 25.75 15.36
C ARG A 153 6.39 25.29 14.13
N LEU A 154 6.59 25.99 13.02
CA LEU A 154 5.82 25.76 11.82
C LEU A 154 6.59 25.19 10.67
N ALA A 155 6.08 24.11 10.04
CA ALA A 155 6.72 23.57 8.84
C ALA A 155 6.58 24.58 7.68
N PHE A 156 5.48 25.37 7.67
CA PHE A 156 5.21 26.39 6.67
C PHE A 156 5.07 27.74 7.39
N PRO A 157 6.21 28.39 7.71
CA PRO A 157 6.12 29.66 8.46
C PRO A 157 5.74 30.89 7.62
N GLU A 158 6.29 31.03 6.39
CA GLU A 158 6.05 32.14 5.45
C GLU A 158 4.67 32.84 5.58
N GLU A 159 4.68 34.19 5.67
CA GLU A 159 3.48 35.02 5.88
C GLU A 159 2.45 34.97 4.74
N ASN A 160 2.87 34.52 3.56
CA ASN A 160 1.95 34.36 2.43
C ASN A 160 2.25 33.00 1.84
N ASN A 161 1.58 31.94 2.33
CA ASN A 161 1.88 30.60 1.87
C ASN A 161 0.64 29.76 1.49
N ARG A 162 0.86 28.79 0.59
CA ARG A 162 -0.13 27.88 0.00
C ARG A 162 -0.94 27.03 0.97
N SER A 163 -0.38 26.67 2.16
CA SER A 163 -1.04 25.81 3.14
C SER A 163 -2.33 26.35 3.77
N LEU A 164 -2.55 27.68 3.71
CA LEU A 164 -3.74 28.31 4.29
C LEU A 164 -4.61 29.02 3.24
N LYS A 165 -4.51 28.63 1.98
CA LYS A 165 -5.29 29.25 0.90
C LYS A 165 -6.70 28.68 0.87
N LYS A 166 -7.72 29.52 0.65
CA LYS A 166 -9.10 29.06 0.56
C LYS A 166 -9.31 28.33 -0.78
N ILE A 167 -9.94 27.14 -0.79
CA ILE A 167 -10.14 26.37 -2.02
C ILE A 167 -11.58 26.44 -2.49
N PRO A 168 -11.81 26.90 -3.72
CA PRO A 168 -13.19 26.98 -4.23
C PRO A 168 -13.78 25.64 -4.69
N LYS A 169 -15.08 25.62 -4.96
CA LYS A 169 -15.76 24.42 -5.41
C LYS A 169 -15.79 24.39 -6.94
N LEU A 170 -15.32 23.28 -7.53
CA LEU A 170 -15.25 23.07 -8.97
C LEU A 170 -16.66 23.17 -9.57
N GLU A 171 -16.77 23.91 -10.68
CA GLU A 171 -18.05 24.08 -11.38
C GLU A 171 -18.21 23.08 -12.54
N ASP A 172 -19.42 22.48 -12.67
CA ASP A 172 -19.70 21.57 -13.78
C ASP A 172 -19.88 22.40 -15.07
N PRO A 173 -19.41 21.93 -16.24
CA PRO A 173 -18.70 20.67 -16.47
C PRO A 173 -17.19 20.70 -16.11
N ALA A 174 -16.67 19.59 -15.57
CA ALA A 174 -15.27 19.44 -15.25
C ALA A 174 -14.50 19.22 -16.55
N GLN A 175 -13.23 19.65 -16.61
CA GLN A 175 -12.42 19.43 -17.80
C GLN A 175 -12.13 17.94 -17.96
N TYR A 176 -11.78 17.27 -16.84
CA TYR A 176 -11.44 15.86 -16.77
C TYR A 176 -12.22 15.15 -15.64
N SER A 177 -12.40 13.84 -15.76
CA SER A 177 -13.10 13.08 -14.73
C SER A 177 -12.74 11.60 -14.75
N MET A 178 -12.81 10.95 -13.58
CA MET A 178 -12.62 9.51 -13.44
C MET A 178 -13.82 9.09 -12.60
N ILE A 179 -14.74 8.33 -13.19
CA ILE A 179 -16.02 8.00 -12.57
C ILE A 179 -16.08 6.56 -12.03
N GLY A 180 -16.93 6.33 -11.03
CA GLY A 180 -17.15 5.00 -10.48
C GLY A 180 -16.06 4.41 -9.62
N LEU A 181 -15.27 5.24 -8.91
CA LEU A 181 -14.20 4.79 -8.02
C LEU A 181 -14.77 4.18 -6.71
N LYS A 182 -14.39 2.94 -6.39
CA LYS A 182 -14.89 2.26 -5.19
C LYS A 182 -13.72 1.82 -4.36
N PRO A 183 -13.81 1.94 -3.02
CA PRO A 183 -12.72 1.42 -2.18
C PRO A 183 -12.79 -0.11 -2.02
N ARG A 184 -11.63 -0.75 -1.94
CA ARG A 184 -11.56 -2.17 -1.64
C ARG A 184 -11.05 -2.33 -0.16
N ARG A 185 -10.92 -3.57 0.37
CA ARG A 185 -10.51 -3.74 1.77
C ARG A 185 -9.13 -3.18 2.06
N ALA A 186 -8.24 -3.17 1.05
CA ALA A 186 -6.91 -2.59 1.21
C ALA A 186 -6.98 -1.08 1.43
N ASP A 187 -8.06 -0.42 0.98
CA ASP A 187 -8.24 1.03 1.18
C ASP A 187 -8.81 1.37 2.59
N LEU A 188 -9.13 0.37 3.41
CA LEU A 188 -9.70 0.61 4.74
C LEU A 188 -8.59 0.53 5.82
N ASP A 189 -8.74 1.31 6.91
CA ASP A 189 -7.78 1.26 8.02
C ASP A 189 -8.16 0.13 9.01
N MET A 190 -7.49 0.06 10.19
CA MET A 190 -7.81 -0.96 11.18
C MET A 190 -9.22 -0.82 11.76
N ASN A 191 -9.85 0.36 11.67
CA ASN A 191 -11.23 0.58 12.15
C ASN A 191 -12.29 0.50 11.05
N GLN A 192 -11.90 0.00 9.84
CA GLN A 192 -12.75 -0.20 8.66
C GLN A 192 -13.26 1.10 8.01
N HIS A 193 -12.55 2.20 8.24
CA HIS A 193 -12.88 3.47 7.62
C HIS A 193 -11.94 3.65 6.40
N VAL A 194 -12.39 4.36 5.35
CA VAL A 194 -11.51 4.60 4.19
C VAL A 194 -10.31 5.47 4.64
N ASN A 195 -9.07 4.97 4.39
CA ASN A 195 -7.79 5.61 4.71
C ASN A 195 -7.68 6.95 3.94
N ASN A 196 -7.17 8.01 4.57
CA ASN A 196 -7.10 9.32 3.92
C ASN A 196 -6.16 9.38 2.71
N VAL A 197 -5.22 8.43 2.60
CA VAL A 197 -4.29 8.36 1.48
C VAL A 197 -5.02 7.95 0.19
N THR A 198 -6.09 7.12 0.30
CA THR A 198 -6.95 6.69 -0.82
C THR A 198 -7.58 7.89 -1.52
N TYR A 199 -8.00 8.93 -0.74
CA TYR A 199 -8.60 10.14 -1.33
C TYR A 199 -7.59 10.88 -2.18
N ILE A 200 -6.30 10.87 -1.78
CA ILE A 200 -5.24 11.49 -2.57
C ILE A 200 -5.13 10.76 -3.91
N GLY A 201 -5.16 9.43 -3.88
CA GLY A 201 -5.09 8.64 -5.11
C GLY A 201 -6.27 8.86 -6.03
N TRP A 202 -7.48 8.97 -5.45
CA TRP A 202 -8.71 9.20 -6.20
C TRP A 202 -8.69 10.59 -6.82
N VAL A 203 -8.20 11.61 -6.09
CA VAL A 203 -8.07 12.98 -6.63
C VAL A 203 -7.11 12.95 -7.84
N LEU A 204 -5.95 12.30 -7.69
CA LEU A 204 -4.95 12.18 -8.75
C LEU A 204 -5.41 11.37 -9.99
N GLU A 205 -6.41 10.48 -9.84
CA GLU A 205 -6.92 9.65 -10.94
C GLU A 205 -7.54 10.45 -12.10
N SER A 206 -8.11 11.64 -11.82
CA SER A 206 -8.67 12.45 -12.90
C SER A 206 -7.62 13.36 -13.60
N ILE A 207 -6.36 13.37 -13.13
CA ILE A 207 -5.29 14.11 -13.81
C ILE A 207 -4.92 13.27 -15.05
N PRO A 208 -4.84 13.86 -16.26
CA PRO A 208 -4.47 13.06 -17.44
C PRO A 208 -3.08 12.42 -17.34
N GLN A 209 -2.93 11.23 -17.92
CA GLN A 209 -1.70 10.45 -17.86
C GLN A 209 -0.50 11.19 -18.48
N GLU A 210 -0.74 12.05 -19.49
CA GLU A 210 0.33 12.84 -20.13
C GLU A 210 0.91 13.87 -19.17
N ILE A 211 0.06 14.46 -18.28
CA ILE A 211 0.54 15.41 -17.26
C ILE A 211 1.44 14.64 -16.29
N VAL A 212 0.99 13.46 -15.85
CA VAL A 212 1.76 12.62 -14.93
C VAL A 212 3.12 12.22 -15.55
N ASP A 213 3.14 11.89 -16.85
CA ASP A 213 4.34 11.51 -17.59
C ASP A 213 5.38 12.63 -17.82
N THR A 214 4.93 13.87 -17.96
CA THR A 214 5.80 15.01 -18.26
C THR A 214 6.03 15.96 -17.09
N HIS A 215 5.23 15.86 -16.02
CA HIS A 215 5.39 16.73 -14.85
C HIS A 215 5.55 15.96 -13.58
N GLU A 216 6.07 16.63 -12.55
CA GLU A 216 6.16 16.08 -11.21
C GLU A 216 5.28 16.90 -10.29
N LEU A 217 4.56 16.24 -9.39
CA LEU A 217 3.69 16.90 -8.43
C LEU A 217 4.54 17.62 -7.37
N GLN A 218 4.40 18.95 -7.28
CA GLN A 218 5.12 19.74 -6.30
C GLN A 218 4.27 20.01 -5.04
N VAL A 219 3.00 20.40 -5.21
CA VAL A 219 2.13 20.73 -4.08
C VAL A 219 0.76 20.06 -4.23
N ILE A 220 0.19 19.61 -3.11
CA ILE A 220 -1.15 19.07 -3.06
C ILE A 220 -1.83 19.59 -1.78
N THR A 221 -2.99 20.23 -1.92
CA THR A 221 -3.75 20.71 -0.77
C THR A 221 -5.13 20.04 -0.81
N LEU A 222 -5.51 19.36 0.26
CA LEU A 222 -6.78 18.67 0.32
C LEU A 222 -7.63 19.05 1.53
N ASP A 223 -8.90 19.41 1.27
CA ASP A 223 -9.89 19.68 2.31
C ASP A 223 -10.80 18.44 2.40
N TYR A 224 -11.02 17.93 3.61
CA TYR A 224 -11.83 16.76 3.89
C TYR A 224 -13.20 17.23 4.43
N ARG A 225 -14.28 16.97 3.71
CA ARG A 225 -15.62 17.43 4.10
C ARG A 225 -16.50 16.34 4.68
N ARG A 226 -16.36 15.14 4.13
CA ARG A 226 -17.19 14.02 4.51
C ARG A 226 -16.44 12.74 4.24
N GLU A 227 -16.70 11.70 5.03
CA GLU A 227 -16.05 10.43 4.81
C GLU A 227 -16.81 9.58 3.78
N CYS A 228 -16.08 8.72 3.08
CA CYS A 228 -16.65 7.82 2.08
C CYS A 228 -16.81 6.46 2.77
N GLN A 229 -18.02 5.90 2.70
CA GLN A 229 -18.27 4.59 3.29
C GLN A 229 -17.70 3.50 2.36
N GLN A 230 -17.56 2.29 2.90
CA GLN A 230 -17.04 1.15 2.17
C GLN A 230 -17.98 0.74 0.99
N ASP A 231 -19.29 1.02 1.11
CA ASP A 231 -20.22 0.72 0.03
C ASP A 231 -20.62 1.95 -0.84
N ASP A 232 -19.84 3.05 -0.73
CA ASP A 232 -20.02 4.29 -1.50
C ASP A 232 -19.18 4.25 -2.79
N VAL A 233 -19.62 5.01 -3.80
CA VAL A 233 -18.99 5.14 -5.12
C VAL A 233 -18.69 6.61 -5.34
N VAL A 234 -17.48 6.92 -5.78
CA VAL A 234 -16.98 8.28 -5.91
C VAL A 234 -16.65 8.66 -7.36
N ASP A 235 -16.85 9.95 -7.71
CA ASP A 235 -16.46 10.54 -8.97
C ASP A 235 -15.38 11.56 -8.66
N SER A 236 -14.30 11.56 -9.45
CA SER A 236 -13.16 12.45 -9.29
C SER A 236 -13.14 13.46 -10.45
N LEU A 237 -13.19 14.77 -10.14
CA LEU A 237 -13.27 15.79 -11.17
C LEU A 237 -12.10 16.77 -11.10
N THR A 238 -11.54 17.17 -12.25
CA THR A 238 -10.41 18.07 -12.34
C THR A 238 -10.58 19.12 -13.44
N THR A 239 -10.19 20.37 -13.18
CA THR A 239 -10.16 21.43 -14.17
C THR A 239 -8.83 22.17 -14.04
N THR A 240 -8.14 22.41 -15.16
CA THR A 240 -6.88 23.17 -15.13
C THR A 240 -7.21 24.63 -14.76
N THR A 241 -6.47 25.24 -13.84
CA THR A 241 -6.69 26.65 -13.49
C THR A 241 -5.54 27.57 -13.94
N SER A 242 -4.41 27.00 -14.39
CA SER A 242 -3.29 27.81 -14.87
C SER A 242 -3.45 28.20 -16.35
N ASN A 259 5.13 27.29 -17.69
CA ASN A 259 5.84 26.16 -17.08
C ASN A 259 4.97 25.32 -16.09
N ASP A 260 4.53 25.92 -14.96
CA ASP A 260 3.77 25.18 -13.95
C ASP A 260 2.30 24.98 -14.31
N SER A 261 1.75 23.81 -13.92
CA SER A 261 0.34 23.49 -14.14
C SER A 261 -0.40 23.39 -12.80
N GLN A 262 -1.55 24.07 -12.69
CA GLN A 262 -2.37 24.06 -11.48
C GLN A 262 -3.70 23.44 -11.84
N PHE A 263 -4.28 22.68 -10.90
CA PHE A 263 -5.57 22.05 -11.13
C PHE A 263 -6.47 22.24 -9.91
N LEU A 264 -7.76 22.33 -10.15
CA LEU A 264 -8.77 22.39 -9.10
C LEU A 264 -9.42 21.01 -9.10
N HIS A 265 -9.65 20.44 -7.92
CA HIS A 265 -10.17 19.09 -7.79
C HIS A 265 -11.43 18.99 -6.97
N LEU A 266 -12.25 17.97 -7.26
CA LEU A 266 -13.44 17.72 -6.49
C LEU A 266 -13.77 16.24 -6.46
N LEU A 267 -13.96 15.68 -5.25
CA LEU A 267 -14.44 14.30 -5.12
C LEU A 267 -15.86 14.40 -4.61
N ARG A 268 -16.79 13.70 -5.25
CA ARG A 268 -18.17 13.69 -4.81
C ARG A 268 -18.79 12.31 -5.00
N LEU A 269 -19.85 11.99 -4.23
CA LEU A 269 -20.52 10.69 -4.36
C LEU A 269 -21.20 10.59 -5.72
N SER A 270 -21.03 9.45 -6.44
CA SER A 270 -21.54 9.19 -7.79
C SER A 270 -23.02 9.46 -7.99
N GLY A 271 -23.80 9.15 -6.98
CA GLY A 271 -25.24 9.32 -7.07
C GLY A 271 -25.71 10.73 -6.94
N ASP A 272 -25.97 11.15 -5.70
CA ASP A 272 -26.49 12.47 -5.40
C ASP A 272 -25.51 13.62 -5.60
N GLY A 273 -24.23 13.33 -5.79
CA GLY A 273 -23.23 14.39 -5.99
C GLY A 273 -22.79 15.08 -4.71
N GLN A 274 -23.01 14.44 -3.56
CA GLN A 274 -22.61 14.95 -2.25
C GLN A 274 -21.08 15.10 -2.18
N GLU A 275 -20.58 16.32 -1.92
CA GLU A 275 -19.14 16.56 -1.82
C GLU A 275 -18.44 15.79 -0.69
N ILE A 276 -17.36 15.07 -1.02
CA ILE A 276 -16.58 14.40 0.02
C ILE A 276 -15.23 15.15 0.24
N ASN A 277 -14.66 15.71 -0.84
CA ASN A 277 -13.36 16.40 -0.79
C ASN A 277 -13.27 17.46 -1.85
N ARG A 278 -12.38 18.41 -1.64
CA ARG A 278 -12.01 19.41 -2.63
C ARG A 278 -10.50 19.71 -2.45
N GLY A 279 -9.81 20.07 -3.53
CA GLY A 279 -8.38 20.32 -3.45
C GLY A 279 -7.78 21.01 -4.64
N THR A 280 -6.47 21.25 -4.58
CA THR A 280 -5.65 21.86 -5.65
C THR A 280 -4.32 21.14 -5.72
N THR A 281 -3.78 21.01 -6.93
CA THR A 281 -2.44 20.44 -7.13
C THR A 281 -1.61 21.41 -7.97
N LEU A 282 -0.29 21.37 -7.79
CA LEU A 282 0.62 22.18 -8.60
C LEU A 282 1.71 21.23 -9.12
N TRP A 283 2.02 21.31 -10.41
CA TRP A 283 2.99 20.42 -11.04
C TRP A 283 4.01 21.22 -11.85
N ARG A 284 5.28 20.78 -11.88
CA ARG A 284 6.30 21.45 -12.66
C ARG A 284 6.88 20.49 -13.73
N LYS A 285 7.30 21.03 -14.89
CA LYS A 285 7.87 20.20 -15.94
C LYS A 285 9.15 19.50 -15.46
N LYS A 286 9.35 18.22 -15.82
CA LYS A 286 10.53 17.47 -15.42
C LYS A 286 11.79 18.03 -16.09
N GLY B 2 18.47 -5.84 4.93
CA GLY B 2 18.65 -7.28 4.84
C GLY B 2 20.01 -7.68 4.31
N SER B 3 20.24 -8.99 4.20
CA SER B 3 21.51 -9.48 3.70
C SER B 3 21.44 -10.94 3.27
N LEU B 4 22.36 -11.33 2.37
CA LEU B 4 22.54 -12.72 1.96
C LEU B 4 23.05 -13.49 3.17
N THR B 5 22.69 -14.78 3.28
CA THR B 5 23.21 -15.64 4.35
C THR B 5 24.72 -15.92 4.10
N GLU B 6 25.37 -16.69 4.99
CA GLU B 6 26.78 -17.00 4.89
C GLU B 6 27.16 -17.67 3.58
N ASP B 7 26.35 -18.63 3.11
CA ASP B 7 26.65 -19.33 1.87
C ASP B 7 26.35 -18.52 0.60
N GLY B 8 25.61 -17.42 0.72
CA GLY B 8 25.23 -16.59 -0.41
C GLY B 8 24.15 -17.23 -1.29
N LEU B 9 23.47 -18.27 -0.77
CA LEU B 9 22.44 -18.96 -1.53
C LEU B 9 21.00 -18.64 -1.08
N SER B 10 20.83 -17.71 -0.13
CA SER B 10 19.52 -17.25 0.32
C SER B 10 19.63 -15.82 0.91
N TYR B 11 18.50 -15.16 1.14
CA TYR B 11 18.51 -13.77 1.60
C TYR B 11 17.52 -13.58 2.73
N LYS B 12 17.90 -12.85 3.79
CA LYS B 12 16.99 -12.58 4.90
C LYS B 12 16.75 -11.08 5.07
N GLU B 13 15.55 -10.69 5.51
CA GLU B 13 15.23 -9.30 5.78
C GLU B 13 14.17 -9.20 6.89
N LYS B 14 14.32 -8.19 7.77
CA LYS B 14 13.39 -7.95 8.86
C LYS B 14 12.52 -6.75 8.56
N PHE B 15 11.22 -6.85 8.87
CA PHE B 15 10.25 -5.78 8.61
C PHE B 15 9.46 -5.51 9.87
N VAL B 16 9.26 -4.22 10.20
CA VAL B 16 8.44 -3.85 11.34
C VAL B 16 7.08 -3.56 10.76
N VAL B 17 6.05 -4.25 11.23
CA VAL B 17 4.69 -4.09 10.66
C VAL B 17 4.12 -2.67 10.94
N ARG B 18 3.71 -1.95 9.87
CA ARG B 18 3.17 -0.58 9.90
C ARG B 18 1.68 -0.49 10.18
N SER B 19 1.24 0.65 10.74
CA SER B 19 -0.16 0.96 11.09
C SER B 19 -1.12 0.80 9.93
N TYR B 20 -0.80 1.35 8.74
CA TYR B 20 -1.69 1.22 7.59
C TYR B 20 -1.60 -0.15 6.91
N GLU B 21 -0.72 -1.03 7.38
CA GLU B 21 -0.53 -2.36 6.82
C GLU B 21 -1.45 -3.42 7.44
N VAL B 22 -2.17 -3.09 8.53
CA VAL B 22 -3.00 -4.05 9.25
C VAL B 22 -4.50 -3.88 8.99
N GLY B 23 -5.26 -4.96 9.21
CA GLY B 23 -6.71 -4.98 9.10
C GLY B 23 -7.41 -4.77 10.44
N SER B 24 -8.72 -5.15 10.53
CA SER B 24 -9.52 -4.93 11.76
C SER B 24 -9.07 -5.74 12.99
N ASN B 25 -8.30 -6.81 12.80
CA ASN B 25 -7.74 -7.57 13.92
C ASN B 25 -6.36 -7.02 14.37
N LYS B 26 -5.93 -5.84 13.85
CA LYS B 26 -4.64 -5.21 14.17
C LYS B 26 -3.44 -6.10 13.79
N THR B 27 -3.64 -7.01 12.81
CA THR B 27 -2.58 -7.87 12.26
C THR B 27 -2.46 -7.62 10.75
N ALA B 28 -1.25 -7.86 10.19
CA ALA B 28 -0.99 -7.63 8.78
C ALA B 28 -1.97 -8.35 7.86
N THR B 29 -2.44 -7.68 6.79
CA THR B 29 -3.30 -8.30 5.81
C THR B 29 -2.47 -9.25 4.93
N VAL B 30 -3.12 -10.14 4.18
CA VAL B 30 -2.40 -11.04 3.27
C VAL B 30 -1.75 -10.25 2.13
N GLU B 31 -2.29 -9.07 1.77
CA GLU B 31 -1.73 -8.20 0.76
C GLU B 31 -0.44 -7.54 1.25
N THR B 32 -0.36 -7.22 2.58
CA THR B 32 0.86 -6.69 3.17
C THR B 32 1.95 -7.76 3.09
N ILE B 33 1.59 -9.02 3.46
CA ILE B 33 2.48 -10.17 3.41
C ILE B 33 3.06 -10.33 2.01
N ALA B 34 2.20 -10.42 0.98
CA ALA B 34 2.61 -10.56 -0.42
C ALA B 34 3.49 -9.40 -0.94
N ASN B 35 3.29 -8.17 -0.43
CA ASN B 35 4.14 -7.02 -0.78
C ASN B 35 5.53 -7.24 -0.18
N LEU B 36 5.59 -7.71 1.09
CA LEU B 36 6.85 -7.99 1.79
C LEU B 36 7.61 -9.10 1.11
N LEU B 37 6.91 -10.15 0.61
CA LEU B 37 7.57 -11.24 -0.10
C LEU B 37 8.24 -10.69 -1.40
N GLN B 38 7.52 -9.84 -2.13
CA GLN B 38 8.00 -9.22 -3.36
C GLN B 38 9.21 -8.33 -3.07
N GLU B 39 9.16 -7.55 -1.97
CA GLU B 39 10.24 -6.65 -1.57
C GLU B 39 11.53 -7.42 -1.23
N VAL B 40 11.41 -8.49 -0.44
CA VAL B 40 12.58 -9.29 -0.07
C VAL B 40 13.14 -10.02 -1.34
N GLY B 41 12.26 -10.41 -2.26
CA GLY B 41 12.63 -11.04 -3.52
C GLY B 41 13.42 -10.10 -4.41
N CYS B 42 12.99 -8.82 -4.48
CA CYS B 42 13.69 -7.77 -5.23
C CYS B 42 15.03 -7.49 -4.62
N ASN B 43 15.11 -7.43 -3.29
CA ASN B 43 16.38 -7.13 -2.60
C ASN B 43 17.37 -8.30 -2.75
N HIS B 44 16.88 -9.54 -2.81
CA HIS B 44 17.70 -10.71 -3.04
C HIS B 44 18.35 -10.61 -4.45
N ALA B 45 17.55 -10.29 -5.51
CA ALA B 45 18.06 -10.12 -6.87
C ALA B 45 19.10 -8.96 -6.95
N GLN B 46 18.88 -7.83 -6.26
CA GLN B 46 19.85 -6.74 -6.26
C GLN B 46 21.18 -7.16 -5.61
N SER B 47 21.12 -7.87 -4.46
CA SER B 47 22.31 -8.26 -3.68
C SER B 47 23.25 -9.19 -4.42
N VAL B 48 22.71 -9.97 -5.38
CA VAL B 48 23.55 -10.89 -6.14
C VAL B 48 23.87 -10.39 -7.56
N GLY B 49 23.76 -9.09 -7.80
CA GLY B 49 24.15 -8.50 -9.06
C GLY B 49 23.10 -8.33 -10.14
N PHE B 50 21.87 -8.80 -9.89
CA PHE B 50 20.80 -8.67 -10.88
C PHE B 50 20.09 -7.33 -10.78
N SER B 51 20.84 -6.23 -10.75
CA SER B 51 20.29 -4.88 -10.67
C SER B 51 19.33 -4.58 -11.84
N PHE B 55 12.85 -7.08 -13.57
CA PHE B 55 13.14 -7.78 -12.33
C PHE B 55 14.52 -8.51 -12.50
N ALA B 56 14.66 -9.80 -12.12
CA ALA B 56 15.93 -10.53 -12.12
C ALA B 56 16.31 -11.15 -13.47
N THR B 57 16.47 -10.30 -14.48
CA THR B 57 16.83 -10.77 -15.81
C THR B 57 18.34 -10.98 -15.95
N THR B 58 18.76 -12.10 -16.52
CA THR B 58 20.18 -12.34 -16.76
C THR B 58 20.66 -11.48 -17.96
N THR B 59 21.97 -11.47 -18.27
CA THR B 59 22.50 -10.71 -19.40
C THR B 59 21.93 -11.24 -20.72
N THR B 60 21.81 -12.58 -20.86
CA THR B 60 21.24 -13.21 -22.05
C THR B 60 19.75 -12.83 -22.20
N MET B 61 19.00 -12.79 -21.08
CA MET B 61 17.59 -12.41 -21.12
C MET B 61 17.38 -10.98 -21.65
N ARG B 62 18.20 -10.02 -21.19
CA ARG B 62 18.10 -8.63 -21.64
C ARG B 62 18.35 -8.51 -23.15
N LYS B 63 19.32 -9.29 -23.66
CA LYS B 63 19.67 -9.33 -25.06
C LYS B 63 18.49 -9.82 -25.92
N LEU B 64 17.80 -10.88 -25.46
CA LEU B 64 16.67 -11.42 -26.22
C LEU B 64 15.30 -10.84 -25.85
N HIS B 65 15.25 -9.77 -25.02
CA HIS B 65 14.00 -9.13 -24.55
C HIS B 65 13.09 -10.08 -23.78
N LEU B 66 13.67 -10.82 -22.83
CA LEU B 66 13.00 -11.83 -22.02
C LEU B 66 12.89 -11.42 -20.56
N ILE B 67 11.74 -11.70 -19.94
CA ILE B 67 11.48 -11.40 -18.53
C ILE B 67 10.85 -12.59 -17.80
N TRP B 68 10.93 -12.59 -16.46
CA TRP B 68 10.31 -13.57 -15.60
C TRP B 68 8.91 -13.08 -15.25
N VAL B 69 7.92 -13.94 -15.39
CA VAL B 69 6.53 -13.63 -15.08
C VAL B 69 6.02 -14.69 -14.07
N THR B 70 5.16 -14.30 -13.13
CA THR B 70 4.61 -15.26 -12.17
C THR B 70 3.50 -16.09 -12.86
N ALA B 71 3.55 -17.40 -12.73
CA ALA B 71 2.53 -18.31 -13.25
C ALA B 71 1.64 -18.77 -12.07
N ARG B 72 2.23 -19.00 -10.91
CA ARG B 72 1.50 -19.44 -9.74
C ARG B 72 2.12 -18.87 -8.46
N MET B 73 1.28 -18.47 -7.50
CA MET B 73 1.66 -17.93 -6.20
C MET B 73 0.87 -18.73 -5.13
N HIS B 74 1.54 -19.29 -4.14
CA HIS B 74 0.90 -20.07 -3.09
C HIS B 74 1.38 -19.62 -1.70
N ILE B 75 0.46 -19.12 -0.84
CA ILE B 75 0.82 -18.63 0.49
C ILE B 75 0.04 -19.35 1.61
N GLU B 76 0.75 -19.76 2.68
N GLU B 76 0.75 -19.76 2.68
N GLU B 76 0.75 -19.76 2.68
CA GLU B 76 0.12 -20.39 3.83
CA GLU B 76 0.15 -20.40 3.84
CA GLU B 76 0.12 -20.39 3.83
C GLU B 76 0.56 -19.66 5.11
C GLU B 76 0.56 -19.66 5.11
C GLU B 76 0.56 -19.66 5.11
N ILE B 77 -0.40 -19.04 5.81
CA ILE B 77 -0.13 -18.29 7.03
C ILE B 77 -0.69 -18.97 8.28
N TYR B 78 0.15 -19.18 9.31
CA TYR B 78 -0.25 -19.75 10.60
C TYR B 78 -0.60 -18.61 11.57
N LYS B 79 0.22 -17.56 11.59
CA LYS B 79 0.00 -16.40 12.45
C LYS B 79 0.32 -15.13 11.65
N TYR B 80 -0.61 -14.19 11.59
CA TYR B 80 -0.35 -12.91 10.92
C TYR B 80 0.32 -12.01 11.95
N PRO B 81 1.48 -11.40 11.63
CA PRO B 81 2.14 -10.54 12.62
C PRO B 81 1.30 -9.35 13.03
N ALA B 82 1.32 -8.99 14.30
CA ALA B 82 0.57 -7.84 14.79
C ALA B 82 1.31 -6.52 14.43
N TRP B 83 0.59 -5.41 14.45
CA TRP B 83 1.10 -4.06 14.20
C TRP B 83 2.25 -3.76 15.20
N GLY B 84 3.41 -3.40 14.68
CA GLY B 84 4.57 -3.13 15.51
C GLY B 84 5.51 -4.31 15.72
N ASP B 85 5.08 -5.52 15.30
CA ASP B 85 5.92 -6.72 15.43
C ASP B 85 6.97 -6.77 14.32
N VAL B 86 8.07 -7.46 14.57
CA VAL B 86 9.11 -7.65 13.58
C VAL B 86 8.95 -9.04 12.97
N VAL B 87 8.83 -9.11 11.64
CA VAL B 87 8.73 -10.37 10.93
C VAL B 87 10.04 -10.59 10.13
N GLU B 88 10.64 -11.80 10.21
CA GLU B 88 11.84 -12.08 9.44
C GLU B 88 11.50 -12.98 8.26
N ILE B 89 11.88 -12.57 7.04
CA ILE B 89 11.59 -13.37 5.85
C ILE B 89 12.88 -13.86 5.17
N GLU B 90 13.00 -15.18 4.98
CA GLU B 90 14.12 -15.76 4.24
C GLU B 90 13.63 -16.21 2.83
N THR B 91 14.35 -15.85 1.76
CA THR B 91 13.96 -16.20 0.40
C THR B 91 15.13 -16.82 -0.40
N TRP B 92 14.80 -17.74 -1.29
CA TRP B 92 15.79 -18.39 -2.16
C TRP B 92 15.11 -18.84 -3.45
N CYS B 93 15.91 -19.11 -4.46
CA CYS B 93 15.41 -19.59 -5.73
C CYS B 93 15.96 -20.93 -6.09
N GLN B 94 15.31 -21.61 -7.03
CA GLN B 94 15.77 -22.89 -7.50
C GLN B 94 15.30 -23.11 -8.93
N SER B 95 16.18 -23.71 -9.78
CA SER B 95 15.84 -24.04 -11.16
C SER B 95 14.82 -25.17 -11.14
N GLU B 96 13.80 -25.08 -11.99
CA GLU B 96 12.83 -26.14 -12.12
C GLU B 96 13.02 -26.77 -13.48
N GLY B 97 14.22 -27.29 -13.69
CA GLY B 97 14.59 -27.96 -14.93
C GLY B 97 14.68 -27.02 -16.11
N ARG B 98 13.62 -26.93 -16.89
CA ARG B 98 13.58 -26.04 -18.05
C ARG B 98 12.20 -25.44 -18.32
N ILE B 99 11.21 -25.76 -17.47
CA ILE B 99 9.89 -25.19 -17.60
C ILE B 99 9.79 -23.81 -16.89
N GLY B 100 10.79 -23.45 -16.08
CA GLY B 100 10.81 -22.19 -15.38
C GLY B 100 11.68 -22.18 -14.13
N THR B 101 11.37 -21.28 -13.23
CA THR B 101 12.12 -21.09 -12.00
C THR B 101 11.14 -21.03 -10.80
N ARG B 102 11.62 -21.25 -9.58
CA ARG B 102 10.79 -21.22 -8.39
C ARG B 102 11.40 -20.30 -7.34
N ARG B 103 10.56 -19.50 -6.63
CA ARG B 103 11.07 -18.70 -5.54
C ARG B 103 10.26 -19.07 -4.33
N ASP B 104 10.95 -19.43 -3.22
CA ASP B 104 10.30 -19.82 -1.99
C ASP B 104 10.61 -18.84 -0.85
N TRP B 105 9.74 -18.80 0.16
CA TRP B 105 9.90 -17.92 1.29
C TRP B 105 9.50 -18.63 2.57
N ILE B 106 10.16 -18.23 3.69
CA ILE B 106 9.85 -18.69 5.03
C ILE B 106 9.68 -17.43 5.87
N LEU B 107 8.58 -17.31 6.61
CA LEU B 107 8.32 -16.15 7.45
C LEU B 107 8.44 -16.61 8.88
N LYS B 108 9.18 -15.87 9.71
CA LYS B 108 9.35 -16.22 11.13
C LYS B 108 9.07 -15.03 12.04
N ASP B 109 8.66 -15.31 13.28
CA ASP B 109 8.46 -14.26 14.29
C ASP B 109 9.89 -13.96 14.76
N SER B 110 10.36 -12.72 14.62
CA SER B 110 11.74 -12.37 14.98
C SER B 110 12.06 -12.56 16.47
N VAL B 111 11.03 -12.48 17.33
CA VAL B 111 11.23 -12.63 18.77
C VAL B 111 11.27 -14.10 19.19
N THR B 112 10.37 -14.92 18.66
CA THR B 112 10.29 -16.32 19.06
C THR B 112 11.09 -17.29 18.17
N GLY B 113 11.38 -16.88 16.94
CA GLY B 113 12.09 -17.71 15.96
C GLY B 113 11.21 -18.75 15.28
N GLU B 114 9.91 -18.81 15.65
CA GLU B 114 8.97 -19.78 15.12
C GLU B 114 8.47 -19.41 13.73
N VAL B 115 8.24 -20.42 12.88
CA VAL B 115 7.72 -20.24 11.54
C VAL B 115 6.24 -19.84 11.63
N THR B 116 5.88 -18.71 11.03
CA THR B 116 4.50 -18.22 11.05
C THR B 116 3.83 -18.18 9.67
N GLY B 117 4.59 -18.52 8.64
CA GLY B 117 4.11 -18.53 7.27
C GLY B 117 5.15 -19.07 6.33
N ARG B 118 4.71 -19.48 5.14
N ARG B 118 4.71 -19.48 5.14
N ARG B 118 4.71 -19.45 5.12
CA ARG B 118 5.57 -19.98 4.08
CA ARG B 118 5.57 -19.98 4.08
CA ARG B 118 5.58 -19.95 4.08
C ARG B 118 4.92 -19.78 2.72
C ARG B 118 4.92 -19.78 2.72
C ARG B 118 4.92 -19.75 2.71
N ALA B 119 5.73 -19.50 1.70
CA ALA B 119 5.21 -19.25 0.36
C ALA B 119 6.08 -19.82 -0.74
N THR B 120 5.48 -20.11 -1.87
CA THR B 120 6.16 -20.64 -3.02
C THR B 120 5.55 -20.01 -4.27
N SER B 121 6.37 -19.84 -5.30
CA SER B 121 5.92 -19.23 -6.53
C SER B 121 6.61 -19.83 -7.74
N LYS B 122 5.87 -20.03 -8.83
CA LYS B 122 6.43 -20.57 -10.06
C LYS B 122 6.53 -19.47 -11.12
N TRP B 123 7.73 -19.24 -11.67
CA TRP B 123 7.98 -18.20 -12.66
C TRP B 123 8.34 -18.79 -14.01
N VAL B 124 7.84 -18.19 -15.08
CA VAL B 124 8.14 -18.64 -16.44
C VAL B 124 8.76 -17.49 -17.26
N MET B 125 9.53 -17.84 -18.26
CA MET B 125 10.17 -16.85 -19.13
C MET B 125 9.21 -16.42 -20.21
N MET B 126 9.17 -15.12 -20.50
CA MET B 126 8.25 -14.59 -21.49
C MET B 126 8.91 -13.48 -22.28
N ASN B 127 8.62 -13.39 -23.59
CA ASN B 127 9.13 -12.26 -24.39
C ASN B 127 8.32 -11.06 -23.95
N GLN B 128 8.96 -9.98 -23.47
CA GLN B 128 8.22 -8.80 -23.00
C GLN B 128 7.33 -8.15 -24.05
N ASP B 129 7.73 -8.18 -25.33
CA ASP B 129 6.99 -7.56 -26.43
C ASP B 129 5.85 -8.41 -26.99
N THR B 130 6.09 -9.69 -27.31
CA THR B 130 5.06 -10.56 -27.87
C THR B 130 4.21 -11.29 -26.84
N ARG B 131 4.70 -11.36 -25.58
CA ARG B 131 4.07 -12.06 -24.45
C ARG B 131 4.04 -13.59 -24.65
N ARG B 132 4.94 -14.13 -25.49
CA ARG B 132 5.00 -15.56 -25.77
C ARG B 132 5.86 -16.33 -24.79
N LEU B 133 5.25 -17.25 -24.02
CA LEU B 133 6.00 -18.05 -23.04
C LEU B 133 7.02 -18.94 -23.71
N GLN B 134 8.19 -19.08 -23.09
CA GLN B 134 9.28 -19.88 -23.63
C GLN B 134 9.82 -20.83 -22.56
N LYS B 135 10.50 -21.89 -23.01
CA LYS B 135 11.20 -22.82 -22.12
C LYS B 135 12.61 -22.21 -21.89
N VAL B 136 13.19 -22.40 -20.71
CA VAL B 136 14.48 -21.79 -20.38
C VAL B 136 15.66 -22.44 -21.14
N SER B 137 16.48 -21.61 -21.80
CA SER B 137 17.64 -22.06 -22.56
C SER B 137 18.79 -22.53 -21.66
N ASP B 138 19.71 -23.34 -22.21
CA ASP B 138 20.88 -23.82 -21.48
C ASP B 138 21.80 -22.69 -21.06
N ASP B 139 22.12 -21.76 -21.97
CA ASP B 139 22.99 -20.63 -21.63
C ASP B 139 22.33 -19.62 -20.68
N VAL B 140 21.01 -19.68 -20.50
CA VAL B 140 20.28 -18.81 -19.57
C VAL B 140 20.33 -19.43 -18.18
N ARG B 141 20.08 -20.74 -18.09
CA ARG B 141 20.09 -21.47 -16.82
C ARG B 141 21.45 -21.47 -16.11
N ASP B 142 22.57 -21.50 -16.85
CA ASP B 142 23.89 -21.56 -16.22
C ASP B 142 24.32 -20.22 -15.61
N GLU B 143 23.72 -19.08 -16.04
CA GLU B 143 24.08 -17.79 -15.44
C GLU B 143 23.33 -17.48 -14.14
N TYR B 144 22.37 -18.31 -13.72
CA TYR B 144 21.68 -18.09 -12.45
C TYR B 144 21.75 -19.31 -11.50
N LEU B 145 22.25 -20.47 -11.98
CA LEU B 145 22.37 -21.69 -11.18
C LEU B 145 23.37 -21.52 -10.03
N VAL B 146 24.44 -20.76 -10.26
CA VAL B 146 25.45 -20.49 -9.23
C VAL B 146 24.90 -19.65 -8.04
N PHE B 147 23.70 -19.08 -8.17
CA PHE B 147 23.04 -18.31 -7.11
C PHE B 147 21.91 -19.10 -6.40
N CYS B 148 21.78 -20.39 -6.69
CA CYS B 148 20.75 -21.22 -6.11
C CYS B 148 21.36 -22.39 -5.36
N PRO B 149 20.69 -22.93 -4.32
CA PRO B 149 21.18 -24.19 -3.72
C PRO B 149 21.10 -25.32 -4.77
N GLN B 150 22.08 -26.24 -4.79
CA GLN B 150 22.09 -27.29 -5.81
C GLN B 150 21.20 -28.47 -5.41
N GLU B 151 21.19 -28.82 -4.13
CA GLU B 151 20.30 -29.84 -3.61
C GLU B 151 18.91 -29.19 -3.43
N PRO B 152 17.81 -29.96 -3.58
CA PRO B 152 16.48 -29.35 -3.41
C PRO B 152 16.25 -28.77 -2.00
N ARG B 153 15.66 -27.57 -1.94
CA ARG B 153 15.32 -26.85 -0.71
C ARG B 153 13.93 -26.29 -0.94
N LEU B 154 12.94 -26.96 -0.36
CA LEU B 154 11.55 -26.63 -0.61
C LEU B 154 10.82 -26.07 0.58
N ALA B 155 10.12 -24.93 0.41
CA ALA B 155 9.28 -24.40 1.49
C ALA B 155 8.09 -25.34 1.73
N PHE B 156 7.60 -26.04 0.68
CA PHE B 156 6.51 -27.01 0.74
C PHE B 156 7.03 -28.37 0.25
N PRO B 157 7.70 -29.13 1.13
CA PRO B 157 8.29 -30.40 0.68
C PRO B 157 7.32 -31.57 0.53
N GLU B 158 6.38 -31.75 1.49
CA GLU B 158 5.37 -32.82 1.51
C GLU B 158 4.94 -33.39 0.12
N GLU B 159 4.98 -34.74 -0.07
CA GLU B 159 4.63 -35.38 -1.34
C GLU B 159 3.11 -35.30 -1.62
N ASN B 160 2.73 -34.38 -2.52
CA ASN B 160 1.35 -34.05 -2.90
C ASN B 160 0.71 -33.15 -1.83
N ASN B 161 1.04 -31.87 -1.90
CA ASN B 161 0.61 -30.81 -0.99
C ASN B 161 -0.22 -29.72 -1.72
N ARG B 162 -0.88 -28.81 -0.96
CA ARG B 162 -1.75 -27.78 -1.55
C ARG B 162 -1.11 -26.91 -2.65
N SER B 163 0.21 -26.60 -2.55
CA SER B 163 0.93 -25.72 -3.49
C SER B 163 1.00 -26.18 -4.94
N LEU B 164 0.74 -27.46 -5.22
CA LEU B 164 0.82 -27.99 -6.58
C LEU B 164 -0.50 -28.64 -7.04
N LYS B 165 -1.63 -28.29 -6.41
CA LYS B 165 -2.93 -28.85 -6.75
C LYS B 165 -3.51 -28.20 -8.01
N LYS B 166 -4.19 -28.97 -8.86
CA LYS B 166 -4.80 -28.45 -10.07
C LYS B 166 -6.07 -27.63 -9.68
N ILE B 167 -6.23 -26.41 -10.22
CA ILE B 167 -7.39 -25.57 -9.90
C ILE B 167 -8.39 -25.52 -11.05
N PRO B 168 -9.65 -25.91 -10.79
CA PRO B 168 -10.64 -25.89 -11.87
C PRO B 168 -11.21 -24.48 -12.18
N LYS B 169 -11.97 -24.38 -13.28
CA LYS B 169 -12.57 -23.11 -13.66
C LYS B 169 -13.99 -23.02 -13.08
N LEU B 170 -14.27 -21.92 -12.39
CA LEU B 170 -15.54 -21.64 -11.76
C LEU B 170 -16.66 -21.63 -12.81
N GLU B 171 -17.77 -22.31 -12.51
CA GLU B 171 -18.91 -22.37 -13.43
C GLU B 171 -19.98 -21.31 -13.08
N ASP B 172 -20.52 -20.61 -14.10
CA ASP B 172 -21.59 -19.63 -13.90
C ASP B 172 -22.90 -20.39 -13.61
N PRO B 173 -23.76 -19.89 -12.70
CA PRO B 173 -23.60 -18.68 -11.89
C PRO B 173 -22.70 -18.83 -10.65
N ALA B 174 -21.91 -17.78 -10.34
CA ALA B 174 -21.08 -17.75 -9.15
C ALA B 174 -21.97 -17.53 -7.93
N GLN B 175 -21.54 -18.03 -6.74
CA GLN B 175 -22.33 -17.82 -5.53
C GLN B 175 -22.25 -16.33 -5.14
N TYR B 176 -21.05 -15.75 -5.23
CA TYR B 176 -20.76 -14.36 -4.88
C TYR B 176 -19.98 -13.66 -6.00
N SER B 177 -20.06 -12.32 -6.07
CA SER B 177 -19.33 -11.57 -7.07
C SER B 177 -19.11 -10.12 -6.66
N MET B 178 -18.03 -9.51 -7.17
CA MET B 178 -17.72 -8.09 -6.98
C MET B 178 -17.40 -7.62 -8.38
N ILE B 179 -18.24 -6.78 -8.97
CA ILE B 179 -18.09 -6.40 -10.38
C ILE B 179 -17.56 -4.98 -10.58
N GLY B 180 -16.96 -4.74 -11.75
CA GLY B 180 -16.46 -3.42 -12.11
C GLY B 180 -15.20 -2.95 -11.40
N LEU B 181 -14.30 -3.86 -11.00
CA LEU B 181 -13.03 -3.52 -10.35
C LEU B 181 -12.02 -2.93 -11.36
N LYS B 182 -11.49 -1.72 -11.09
CA LYS B 182 -10.54 -1.08 -12.00
C LYS B 182 -9.30 -0.75 -11.22
N PRO B 183 -8.11 -0.92 -11.81
CA PRO B 183 -6.89 -0.50 -11.12
C PRO B 183 -6.67 1.02 -11.18
N ARG B 184 -6.10 1.58 -10.12
CA ARG B 184 -5.71 2.98 -10.11
C ARG B 184 -4.14 3.03 -10.21
N ARG B 185 -3.52 4.23 -10.23
CA ARG B 185 -2.06 4.31 -10.40
C ARG B 185 -1.30 3.67 -9.26
N ALA B 186 -1.88 3.64 -8.04
CA ALA B 186 -1.27 2.96 -6.90
C ALA B 186 -1.19 1.45 -7.12
N ASP B 187 -2.07 0.88 -7.98
CA ASP B 187 -2.04 -0.56 -8.28
C ASP B 187 -0.98 -0.92 -9.36
N LEU B 188 -0.28 0.07 -9.94
CA LEU B 188 0.72 -0.18 -10.98
C LEU B 188 2.14 -0.22 -10.38
N ASP B 189 3.04 -1.02 -10.96
CA ASP B 189 4.43 -1.07 -10.52
C ASP B 189 5.27 0.03 -11.22
N MET B 190 6.62 0.01 -11.07
CA MET B 190 7.49 1.00 -11.71
C MET B 190 7.47 0.89 -13.25
N ASN B 191 7.06 -0.26 -13.82
CA ASN B 191 6.96 -0.43 -15.28
C ASN B 191 5.54 -0.25 -15.83
N GLN B 192 4.62 0.29 -14.99
CA GLN B 192 3.21 0.59 -15.30
C GLN B 192 2.33 -0.65 -15.55
N HIS B 193 2.75 -1.78 -15.02
CA HIS B 193 1.97 -3.01 -15.10
C HIS B 193 1.20 -3.17 -13.79
N VAL B 194 0.01 -3.80 -13.83
CA VAL B 194 -0.75 -4.03 -12.59
C VAL B 194 0.07 -5.01 -11.70
N ASN B 195 0.41 -4.61 -10.46
CA ASN B 195 1.25 -5.49 -9.65
C ASN B 195 0.42 -6.66 -9.10
N ASN B 196 1.07 -7.82 -8.95
CA ASN B 196 0.37 -9.06 -8.66
C ASN B 196 -0.36 -9.13 -7.32
N VAL B 197 -0.05 -8.23 -6.38
CA VAL B 197 -0.70 -8.17 -5.08
C VAL B 197 -2.15 -7.65 -5.24
N THR B 198 -2.40 -6.75 -6.24
CA THR B 198 -3.73 -6.21 -6.57
C THR B 198 -4.71 -7.34 -6.93
N TYR B 199 -4.22 -8.39 -7.66
CA TYR B 199 -5.07 -9.52 -8.04
C TYR B 199 -5.52 -10.30 -6.80
N ILE B 200 -4.66 -10.38 -5.78
CA ILE B 200 -5.00 -11.03 -4.52
C ILE B 200 -6.15 -10.25 -3.86
N GLY B 201 -6.06 -8.93 -3.85
CA GLY B 201 -7.10 -8.08 -3.28
C GLY B 201 -8.42 -8.20 -4.02
N TRP B 202 -8.36 -8.25 -5.36
CA TRP B 202 -9.54 -8.37 -6.21
C TRP B 202 -10.19 -9.73 -6.02
N VAL B 203 -9.39 -10.81 -5.90
CA VAL B 203 -9.93 -12.16 -5.62
C VAL B 203 -10.69 -12.14 -4.27
N LEU B 204 -10.05 -11.56 -3.22
CA LEU B 204 -10.64 -11.48 -1.89
C LEU B 204 -11.89 -10.59 -1.79
N GLU B 205 -12.09 -9.64 -2.74
CA GLU B 205 -13.23 -8.73 -2.74
C GLU B 205 -14.60 -9.43 -2.90
N SER B 206 -14.64 -10.60 -3.56
CA SER B 206 -15.91 -11.31 -3.69
C SER B 206 -16.20 -12.26 -2.49
N ILE B 207 -15.28 -12.37 -1.52
CA ILE B 207 -15.54 -13.15 -0.29
C ILE B 207 -16.49 -12.27 0.56
N PRO B 208 -17.62 -12.81 1.08
CA PRO B 208 -18.51 -11.98 1.92
C PRO B 208 -17.83 -11.42 3.18
N GLN B 209 -18.22 -10.21 3.58
CA GLN B 209 -17.65 -9.53 4.75
C GLN B 209 -17.81 -10.33 6.06
N GLU B 210 -18.88 -11.13 6.19
CA GLU B 210 -19.11 -11.95 7.38
C GLU B 210 -18.07 -13.06 7.50
N ILE B 211 -17.63 -13.64 6.36
CA ILE B 211 -16.57 -14.65 6.36
C ILE B 211 -15.28 -14.00 6.83
N VAL B 212 -14.96 -12.81 6.30
CA VAL B 212 -13.76 -12.07 6.69
C VAL B 212 -13.78 -11.73 8.20
N ASP B 213 -14.95 -11.34 8.74
CA ASP B 213 -15.13 -11.00 10.16
C ASP B 213 -15.01 -12.18 11.15
N THR B 214 -15.41 -13.40 10.73
CA THR B 214 -15.42 -14.57 11.60
C THR B 214 -14.31 -15.59 11.31
N HIS B 215 -13.63 -15.47 10.17
CA HIS B 215 -12.56 -16.41 9.82
C HIS B 215 -11.26 -15.70 9.49
N GLU B 216 -10.16 -16.44 9.54
CA GLU B 216 -8.87 -15.96 9.12
C GLU B 216 -8.42 -16.76 7.91
N LEU B 217 -7.82 -16.10 6.93
CA LEU B 217 -7.32 -16.75 5.73
C LEU B 217 -6.06 -17.57 6.07
N GLN B 218 -6.13 -18.89 5.86
CA GLN B 218 -4.99 -19.77 6.11
C GLN B 218 -4.18 -20.03 4.83
N VAL B 219 -4.85 -20.33 3.70
CA VAL B 219 -4.17 -20.66 2.44
C VAL B 219 -4.79 -19.89 1.28
N ILE B 220 -3.96 -19.45 0.34
CA ILE B 220 -4.38 -18.82 -0.90
C ILE B 220 -3.50 -19.34 -2.04
N THR B 221 -4.11 -19.91 -3.08
CA THR B 221 -3.40 -20.39 -4.25
C THR B 221 -3.91 -19.64 -5.47
N LEU B 222 -3.02 -18.99 -6.21
CA LEU B 222 -3.42 -18.21 -7.38
C LEU B 222 -2.66 -18.59 -8.65
N ASP B 223 -3.40 -18.85 -9.73
CA ASP B 223 -2.85 -19.10 -11.06
C ASP B 223 -3.04 -17.82 -11.87
N TYR B 224 -1.99 -17.35 -12.52
CA TYR B 224 -1.96 -16.14 -13.33
C TYR B 224 -2.02 -16.55 -14.82
N ARG B 225 -3.09 -16.17 -15.52
CA ARG B 225 -3.28 -16.56 -16.92
C ARG B 225 -3.02 -15.45 -17.91
N ARG B 226 -3.39 -14.24 -17.52
CA ARG B 226 -3.29 -13.09 -18.39
C ARG B 226 -3.17 -11.85 -17.53
N GLU B 227 -2.47 -10.83 -18.04
CA GLU B 227 -2.31 -9.59 -17.32
C GLU B 227 -3.53 -8.67 -17.55
N CYS B 228 -3.82 -7.81 -16.59
CA CYS B 228 -4.89 -6.82 -16.66
C CYS B 228 -4.22 -5.49 -17.03
N GLN B 229 -4.71 -4.85 -18.09
CA GLN B 229 -4.18 -3.55 -18.48
C GLN B 229 -4.74 -2.46 -17.55
N GLN B 230 -4.13 -1.29 -17.57
CA GLN B 230 -4.51 -0.14 -16.76
C GLN B 230 -5.93 0.36 -17.15
N ASP B 231 -6.36 0.17 -18.41
CA ASP B 231 -7.69 0.58 -18.85
C ASP B 231 -8.72 -0.58 -18.93
N ASP B 232 -8.40 -1.73 -18.31
CA ASP B 232 -9.26 -2.92 -18.23
C ASP B 232 -10.12 -2.89 -16.96
N VAL B 233 -11.27 -3.58 -16.99
CA VAL B 233 -12.24 -3.69 -15.90
C VAL B 233 -12.44 -5.17 -15.61
N VAL B 234 -12.40 -5.53 -14.33
CA VAL B 234 -12.42 -6.92 -13.87
C VAL B 234 -13.63 -7.25 -13.02
N ASP B 235 -14.12 -8.50 -13.14
CA ASP B 235 -15.17 -9.07 -12.30
C ASP B 235 -14.54 -10.17 -11.47
N SER B 236 -14.84 -10.20 -10.17
CA SER B 236 -14.31 -11.18 -9.22
C SER B 236 -15.43 -12.13 -8.80
N LEU B 237 -15.26 -13.45 -9.01
CA LEU B 237 -16.32 -14.42 -8.74
C LEU B 237 -15.84 -15.48 -7.73
N THR B 238 -16.73 -15.85 -6.79
CA THR B 238 -16.42 -16.83 -5.75
C THR B 238 -17.58 -17.82 -5.53
N THR B 239 -17.27 -19.10 -5.32
CA THR B 239 -18.24 -20.12 -4.95
C THR B 239 -17.65 -20.95 -3.82
N THR B 240 -18.44 -21.19 -2.75
CA THR B 240 -17.97 -22.03 -1.65
C THR B 240 -17.87 -23.48 -2.16
N THR B 241 -16.77 -24.18 -1.85
CA THR B 241 -16.62 -25.59 -2.26
C THR B 241 -16.65 -26.55 -1.07
N SER B 242 -16.60 -26.03 0.18
CA SER B 242 -16.65 -26.90 1.35
C SER B 242 -18.11 -27.21 1.79
N ASP B 260 -13.61 -25.53 8.65
CA ASP B 260 -12.91 -24.76 7.62
C ASP B 260 -13.79 -24.45 6.41
N SER B 261 -13.58 -23.27 5.80
CA SER B 261 -14.31 -22.85 4.60
C SER B 261 -13.34 -22.77 3.39
N GLN B 262 -13.72 -23.38 2.28
CA GLN B 262 -12.94 -23.36 1.05
C GLN B 262 -13.74 -22.64 -0.01
N PHE B 263 -13.05 -21.90 -0.88
CA PHE B 263 -13.71 -21.18 -1.95
C PHE B 263 -12.95 -21.37 -3.26
N LEU B 264 -13.67 -21.35 -4.36
CA LEU B 264 -13.11 -21.39 -5.70
C LEU B 264 -13.26 -19.95 -6.24
N HIS B 265 -12.22 -19.43 -6.89
CA HIS B 265 -12.23 -18.06 -7.37
C HIS B 265 -11.96 -17.92 -8.83
N LEU B 266 -12.47 -16.84 -9.42
CA LEU B 266 -12.20 -16.55 -10.82
C LEU B 266 -12.20 -15.04 -11.06
N LEU B 267 -11.14 -14.52 -11.68
CA LEU B 267 -11.10 -13.12 -12.11
C LEU B 267 -11.19 -13.14 -13.62
N ARG B 268 -12.08 -12.35 -14.19
CA ARG B 268 -12.21 -12.29 -15.64
C ARG B 268 -12.54 -10.85 -16.07
N LEU B 269 -12.21 -10.49 -17.33
CA LEU B 269 -12.50 -9.14 -17.83
C LEU B 269 -14.01 -8.93 -17.93
N SER B 270 -14.53 -7.79 -17.45
CA SER B 270 -15.96 -7.43 -17.39
C SER B 270 -16.73 -7.59 -18.67
N GLY B 271 -16.08 -7.28 -19.78
CA GLY B 271 -16.72 -7.33 -21.07
C GLY B 271 -16.89 -8.72 -21.61
N ASP B 272 -15.87 -9.17 -22.36
CA ASP B 272 -15.88 -10.47 -23.02
C ASP B 272 -15.77 -11.67 -22.09
N GLY B 273 -15.43 -11.46 -20.81
CA GLY B 273 -15.31 -12.56 -19.87
C GLY B 273 -14.02 -13.35 -19.99
N GLN B 274 -12.98 -12.75 -20.60
CA GLN B 274 -11.65 -13.34 -20.77
C GLN B 274 -11.02 -13.59 -19.39
N GLU B 275 -10.67 -14.85 -19.09
CA GLU B 275 -10.04 -15.21 -17.81
C GLU B 275 -8.68 -14.54 -17.58
N ILE B 276 -8.51 -13.87 -16.42
CA ILE B 276 -7.20 -13.31 -16.10
C ILE B 276 -6.53 -14.14 -14.97
N ASN B 277 -7.34 -14.69 -14.05
CA ASN B 277 -6.83 -15.47 -12.90
C ASN B 277 -7.85 -16.50 -12.45
N ARG B 278 -7.38 -17.52 -11.76
CA ARG B 278 -8.21 -18.49 -11.08
C ARG B 278 -7.48 -18.90 -9.77
N GLY B 279 -8.23 -19.24 -8.74
CA GLY B 279 -7.61 -19.59 -7.46
C GLY B 279 -8.52 -20.26 -6.47
N THR B 280 -7.98 -20.59 -5.29
CA THR B 280 -8.69 -21.20 -4.16
C THR B 280 -8.19 -20.57 -2.87
N THR B 281 -9.09 -20.42 -1.90
CA THR B 281 -8.72 -19.95 -0.57
C THR B 281 -9.24 -20.93 0.49
N LEU B 282 -8.56 -20.98 1.64
CA LEU B 282 -9.01 -21.81 2.75
C LEU B 282 -9.00 -20.91 4.00
N TRP B 283 -10.08 -20.96 4.78
CA TRP B 283 -10.23 -20.10 5.95
C TRP B 283 -10.63 -20.93 7.17
N ARG B 284 -10.12 -20.57 8.36
CA ARG B 284 -10.49 -21.27 9.60
C ARG B 284 -11.19 -20.31 10.58
N LYS B 285 -12.12 -20.81 11.39
CA LYS B 285 -12.82 -19.96 12.37
C LYS B 285 -11.83 -19.38 13.39
N LYS B 286 -12.00 -18.10 13.77
CA LYS B 286 -11.11 -17.44 14.72
C LYS B 286 -11.25 -18.05 16.12
N1 ZUG C . 1.31 13.81 20.57
C4 ZUG C . -1.46 15.67 19.57
C5 ZUG C . -2.55 16.49 19.82
C6 ZUG C . -3.55 16.01 20.63
C7 ZUG C . -2.46 14.05 21.01
C1 ZUG C . 1.56 15.24 20.68
C2 ZUG C . 2.46 13.06 20.06
S1 ZUG C . -0.07 13.30 19.87
O1 ZUG C . 0.16 13.34 18.46
O2 ZUG C . -0.43 12.06 20.48
C3 ZUG C . -1.39 14.44 20.22
N2 ZUG C . -3.52 14.83 21.25
S SO4 D . -2.90 14.56 16.00
O1 SO4 D . -2.71 15.92 15.49
O2 SO4 D . -3.60 14.58 17.29
O3 SO4 D . -3.86 13.81 15.18
O4 SO4 D . -1.62 13.82 16.10
N1 ZUG E . 18.78 -15.00 -7.67
C4 ZUG E . 16.48 -16.41 -9.75
C5 ZUG E . 16.14 -17.11 -10.89
C6 ZUG E . 16.49 -16.58 -12.11
C7 ZUG E . 17.48 -14.78 -11.17
C1 ZUG E . 19.93 -15.31 -8.50
C2 ZUG E . 18.43 -16.03 -6.70
S1 ZUG E . 17.60 -14.23 -8.47
O1 ZUG E . 16.45 -14.19 -7.61
O2 ZUG E . 18.15 -13.01 -8.96
C3 ZUG E . 17.18 -15.21 -9.89
N2 ZUG E . 17.17 -15.45 -12.27
S SO4 F . 12.85 -15.16 -9.64
O1 SO4 F . 12.05 -14.38 -10.61
O2 SO4 F . 13.21 -14.32 -8.48
O3 SO4 F . 12.25 -16.45 -9.27
O4 SO4 F . 14.03 -15.38 -10.49
#